data_5H2S
#
_entry.id   5H2S
#
_entity_poly.entity_id   1
_entity_poly.type   'polypeptide(L)'
_entity_poly.pdbx_seq_one_letter_code
;FIHHIIGGLFSAGKAIHRLIRRRRR
;
_entity_poly.pdbx_strand_id   A
#
# COMPACT_ATOMS: atom_id res chain seq x y z
N PHE A 1 -9.99 -9.68 -3.63
CA PHE A 1 -9.94 -8.29 -4.18
C PHE A 1 -11.34 -7.69 -4.18
N ILE A 2 -12.01 -7.72 -3.06
CA ILE A 2 -13.39 -7.16 -2.99
C ILE A 2 -13.34 -5.73 -2.43
N HIS A 3 -13.49 -5.58 -1.13
CA HIS A 3 -13.47 -4.21 -0.54
C HIS A 3 -13.11 -4.28 0.95
N HIS A 4 -13.15 -5.46 1.52
CA HIS A 4 -12.80 -5.62 2.96
C HIS A 4 -11.42 -6.26 3.05
N ILE A 5 -10.91 -6.73 1.94
CA ILE A 5 -9.57 -7.34 1.94
C ILE A 5 -8.53 -6.23 1.74
N ILE A 6 -8.99 -5.01 1.59
CA ILE A 6 -8.04 -3.86 1.40
C ILE A 6 -7.69 -3.29 2.78
N GLY A 7 -8.66 -2.87 3.54
CA GLY A 7 -8.36 -2.32 4.89
C GLY A 7 -7.64 -3.39 5.71
N GLY A 8 -7.42 -4.53 5.12
CA GLY A 8 -6.72 -5.62 5.84
C GLY A 8 -5.22 -5.54 5.53
N LEU A 9 -4.88 -5.13 4.33
CA LEU A 9 -3.44 -5.01 3.93
C LEU A 9 -3.23 -3.62 3.34
N PHE A 10 -4.22 -3.12 2.64
CA PHE A 10 -4.12 -1.78 2.03
C PHE A 10 -3.55 -0.79 3.05
N SER A 11 -3.78 -1.03 4.31
CA SER A 11 -3.25 -0.10 5.37
C SER A 11 -1.72 -0.07 5.28
N ALA A 12 -1.08 -1.22 5.22
CA ALA A 12 0.40 -1.24 5.11
C ALA A 12 0.76 -1.10 3.64
N GLY A 13 -0.06 -1.59 2.77
CA GLY A 13 0.23 -1.45 1.32
C GLY A 13 0.56 0.01 1.04
N LYS A 14 -0.21 0.90 1.61
CA LYS A 14 0.04 2.35 1.42
C LYS A 14 1.46 2.66 1.88
N ALA A 15 1.82 2.18 3.04
CA ALA A 15 3.19 2.41 3.58
C ALA A 15 4.21 1.85 2.62
N ILE A 16 3.93 0.72 2.04
CA ILE A 16 4.92 0.15 1.09
C ILE A 16 4.80 0.94 -0.20
N HIS A 17 3.64 1.45 -0.47
CA HIS A 17 3.45 2.28 -1.69
C HIS A 17 4.20 3.60 -1.47
N ARG A 18 4.64 3.84 -0.26
CA ARG A 18 5.38 5.09 0.03
C ARG A 18 6.87 4.79 -0.10
N LEU A 19 7.24 3.57 0.14
CA LEU A 19 8.66 3.20 -0.01
C LEU A 19 9.05 3.41 -1.47
N ILE A 20 8.16 3.08 -2.37
CA ILE A 20 8.45 3.26 -3.82
C ILE A 20 8.51 4.77 -4.10
N ARG A 21 7.52 5.49 -3.66
CA ARG A 21 7.51 6.95 -3.90
C ARG A 21 8.81 7.54 -3.35
N ARG A 22 9.21 7.08 -2.22
CA ARG A 22 10.49 7.57 -1.64
C ARG A 22 11.62 7.08 -2.52
N ARG A 23 11.33 6.08 -3.34
CA ARG A 23 12.37 5.52 -4.25
C ARG A 23 12.19 6.13 -5.65
N ARG A 24 11.74 7.35 -5.73
CA ARG A 24 11.55 7.98 -7.07
C ARG A 24 12.90 7.98 -7.80
N ARG A 25 13.26 6.88 -8.39
CA ARG A 25 14.57 6.81 -9.11
C ARG A 25 14.60 7.86 -10.22
N PHE A 1 -10.32 -9.54 -3.43
CA PHE A 1 -10.35 -8.22 -4.12
C PHE A 1 -11.74 -7.58 -3.94
N ILE A 2 -12.39 -7.86 -2.83
CA ILE A 2 -13.73 -7.27 -2.59
C ILE A 2 -13.59 -5.82 -2.11
N HIS A 3 -13.67 -5.60 -0.82
CA HIS A 3 -13.56 -4.20 -0.30
C HIS A 3 -13.13 -4.21 1.16
N HIS A 4 -13.19 -5.34 1.82
CA HIS A 4 -12.76 -5.43 3.25
C HIS A 4 -11.41 -6.13 3.31
N ILE A 5 -11.02 -6.75 2.23
CA ILE A 5 -9.70 -7.44 2.21
C ILE A 5 -8.62 -6.40 1.91
N ILE A 6 -9.03 -5.18 1.61
CA ILE A 6 -8.03 -4.10 1.32
C ILE A 6 -7.60 -3.47 2.64
N GLY A 7 -8.52 -2.99 3.41
CA GLY A 7 -8.16 -2.39 4.72
C GLY A 7 -7.42 -3.42 5.56
N GLY A 8 -7.27 -4.60 5.03
CA GLY A 8 -6.55 -5.69 5.76
C GLY A 8 -5.06 -5.58 5.47
N LEU A 9 -4.72 -5.23 4.25
CA LEU A 9 -3.27 -5.07 3.86
C LEU A 9 -3.13 -3.71 3.18
N PHE A 10 -4.11 -3.31 2.42
CA PHE A 10 -4.06 -2.00 1.73
C PHE A 10 -3.57 -0.93 2.71
N SER A 11 -3.88 -1.07 3.97
CA SER A 11 -3.43 -0.07 4.96
C SER A 11 -1.90 0.01 4.96
N ALA A 12 -1.24 -1.13 4.96
CA ALA A 12 0.24 -1.11 4.93
C ALA A 12 0.69 -1.03 3.48
N GLY A 13 -0.07 -1.59 2.59
CA GLY A 13 0.31 -1.52 1.16
C GLY A 13 0.58 -0.05 0.83
N LYS A 14 -0.25 0.83 1.30
CA LYS A 14 -0.04 2.27 1.05
C LYS A 14 1.35 2.66 1.59
N ALA A 15 1.64 2.25 2.79
CA ALA A 15 2.97 2.55 3.39
C ALA A 15 4.07 1.97 2.53
N ILE A 16 3.85 0.81 1.97
CA ILE A 16 4.90 0.21 1.11
C ILE A 16 4.85 0.96 -0.21
N HIS A 17 3.69 1.43 -0.56
CA HIS A 17 3.56 2.20 -1.83
C HIS A 17 4.25 3.55 -1.60
N ARG A 18 4.61 3.84 -0.39
CA ARG A 18 5.31 5.12 -0.09
C ARG A 18 6.81 4.85 -0.12
N LEU A 19 7.20 3.65 0.19
CA LEU A 19 8.64 3.30 0.14
C LEU A 19 9.10 3.49 -1.30
N ILE A 20 8.28 3.11 -2.24
CA ILE A 20 8.66 3.27 -3.68
C ILE A 20 8.69 4.77 -3.99
N ARG A 21 7.67 5.48 -3.62
CA ARG A 21 7.63 6.93 -3.89
C ARG A 21 8.86 7.58 -3.27
N ARG A 22 9.25 7.13 -2.11
CA ARG A 22 10.46 7.69 -1.47
C ARG A 22 11.67 7.20 -2.25
N ARG A 23 11.48 6.18 -3.06
CA ARG A 23 12.59 5.62 -3.87
C ARG A 23 12.53 6.20 -5.29
N ARG A 24 11.97 7.37 -5.46
CA ARG A 24 11.91 7.95 -6.83
C ARG A 24 13.34 8.06 -7.36
N ARG A 25 13.82 7.02 -7.96
CA ARG A 25 15.20 7.03 -8.49
C ARG A 25 15.35 8.15 -9.51
N PHE A 1 -9.46 -8.73 -4.27
CA PHE A 1 -9.57 -7.34 -4.82
C PHE A 1 -11.00 -6.83 -4.62
N ILE A 2 -11.69 -7.33 -3.63
CA ILE A 2 -13.08 -6.86 -3.39
C ILE A 2 -13.05 -5.46 -2.76
N HIS A 3 -13.28 -5.36 -1.48
CA HIS A 3 -13.29 -4.02 -0.82
C HIS A 3 -12.96 -4.15 0.67
N HIS A 4 -12.97 -5.35 1.19
CA HIS A 4 -12.65 -5.57 2.62
C HIS A 4 -11.27 -6.22 2.72
N ILE A 5 -10.78 -6.74 1.62
CA ILE A 5 -9.44 -7.35 1.62
C ILE A 5 -8.39 -6.24 1.51
N ILE A 6 -8.84 -5.02 1.40
CA ILE A 6 -7.89 -3.87 1.29
C ILE A 6 -7.61 -3.34 2.70
N GLY A 7 -8.63 -2.98 3.43
CA GLY A 7 -8.42 -2.48 4.81
C GLY A 7 -7.73 -3.57 5.64
N GLY A 8 -7.42 -4.67 5.01
CA GLY A 8 -6.75 -5.79 5.73
C GLY A 8 -5.25 -5.68 5.51
N LEU A 9 -4.84 -5.17 4.38
CA LEU A 9 -3.39 -5.01 4.06
C LEU A 9 -3.18 -3.62 3.49
N PHE A 10 -4.13 -3.12 2.74
CA PHE A 10 -4.02 -1.77 2.16
C PHE A 10 -3.49 -0.79 3.20
N SER A 11 -3.70 -1.08 4.47
CA SER A 11 -3.21 -0.16 5.54
C SER A 11 -1.69 -0.07 5.48
N ALA A 12 -1.02 -1.19 5.49
CA ALA A 12 0.47 -1.16 5.41
C ALA A 12 0.86 -1.04 3.96
N GLY A 13 0.08 -1.60 3.08
CA GLY A 13 0.39 -1.49 1.63
C GLY A 13 0.66 -0.02 1.32
N LYS A 14 -0.15 0.85 1.85
CA LYS A 14 0.03 2.31 1.63
C LYS A 14 1.46 2.69 2.07
N ALA A 15 1.84 2.27 3.24
CA ALA A 15 3.21 2.57 3.74
C ALA A 15 4.24 1.99 2.79
N ILE A 16 3.98 0.83 2.27
CA ILE A 16 4.97 0.24 1.33
C ILE A 16 4.81 0.97 0.00
N HIS A 17 3.64 1.47 -0.26
CA HIS A 17 3.42 2.23 -1.51
C HIS A 17 4.15 3.56 -1.36
N ARG A 18 4.63 3.86 -0.19
CA ARG A 18 5.38 5.14 0.02
C ARG A 18 6.85 4.84 -0.14
N LEU A 19 7.25 3.64 0.16
CA LEU A 19 8.67 3.28 -0.02
C LEU A 19 9.00 3.43 -1.51
N ILE A 20 8.10 3.03 -2.35
CA ILE A 20 8.32 3.15 -3.82
C ILE A 20 8.36 4.64 -4.17
N ARG A 21 7.37 5.37 -3.74
CA ARG A 21 7.34 6.82 -4.04
C ARG A 21 8.65 7.43 -3.58
N ARG A 22 9.11 7.05 -2.43
CA ARG A 22 10.41 7.57 -1.95
C ARG A 22 11.49 7.07 -2.91
N ARG A 23 11.16 6.04 -3.65
CA ARG A 23 12.13 5.48 -4.64
C ARG A 23 11.79 6.01 -6.04
N ARG A 24 11.32 7.23 -6.14
CA ARG A 24 10.97 7.79 -7.46
C ARG A 24 12.21 7.75 -8.38
N ARG A 25 12.45 6.62 -8.97
CA ARG A 25 13.64 6.50 -9.87
C ARG A 25 13.53 7.52 -11.00
N PHE A 1 -10.02 -9.70 -3.45
CA PHE A 1 -10.15 -8.32 -4.02
C PHE A 1 -11.59 -7.83 -3.85
N ILE A 2 -12.17 -8.04 -2.69
CA ILE A 2 -13.57 -7.58 -2.47
C ILE A 2 -13.57 -6.14 -1.93
N HIS A 3 -13.69 -5.98 -0.65
CA HIS A 3 -13.73 -4.60 -0.07
C HIS A 3 -13.23 -4.61 1.37
N HIS A 4 -13.15 -5.76 1.98
CA HIS A 4 -12.67 -5.86 3.39
C HIS A 4 -11.23 -6.37 3.37
N ILE A 5 -10.77 -6.80 2.23
CA ILE A 5 -9.37 -7.30 2.12
C ILE A 5 -8.47 -6.11 1.79
N ILE A 6 -9.03 -4.94 1.66
CA ILE A 6 -8.21 -3.74 1.34
C ILE A 6 -7.76 -3.07 2.63
N GLY A 7 -8.66 -2.56 3.41
CA GLY A 7 -8.27 -1.92 4.70
C GLY A 7 -7.54 -2.94 5.57
N GLY A 8 -7.36 -4.12 5.07
CA GLY A 8 -6.65 -5.19 5.84
C GLY A 8 -5.21 -5.24 5.37
N LEU A 9 -4.98 -4.99 4.11
CA LEU A 9 -3.61 -4.99 3.54
C LEU A 9 -3.36 -3.59 2.98
N PHE A 10 -4.33 -3.06 2.28
CA PHE A 10 -4.19 -1.70 1.71
C PHE A 10 -3.60 -0.75 2.76
N SER A 11 -3.89 -0.98 4.01
CA SER A 11 -3.34 -0.09 5.07
C SER A 11 -1.82 -0.13 4.99
N ALA A 12 -1.26 -1.30 4.79
CA ALA A 12 0.22 -1.40 4.67
C ALA A 12 0.59 -1.17 3.22
N GLY A 13 -0.26 -1.59 2.32
CA GLY A 13 0.04 -1.38 0.88
C GLY A 13 0.43 0.08 0.68
N LYS A 14 -0.28 0.97 1.31
CA LYS A 14 0.06 2.42 1.19
C LYS A 14 1.50 2.63 1.67
N ALA A 15 1.81 2.07 2.81
CA ALA A 15 3.19 2.20 3.36
C ALA A 15 4.19 1.64 2.36
N ILE A 16 3.86 0.58 1.71
CA ILE A 16 4.82 0.02 0.73
C ILE A 16 4.77 0.92 -0.51
N HIS A 17 3.62 1.51 -0.73
CA HIS A 17 3.50 2.42 -1.90
C HIS A 17 4.28 3.70 -1.55
N ARG A 18 4.67 3.83 -0.32
CA ARG A 18 5.45 5.04 0.10
C ARG A 18 6.92 4.70 -0.01
N LEU A 19 7.25 3.45 0.09
CA LEU A 19 8.67 3.04 -0.03
C LEU A 19 9.10 3.36 -1.47
N ILE A 20 8.22 3.13 -2.41
CA ILE A 20 8.56 3.43 -3.84
C ILE A 20 8.65 4.94 -3.99
N ARG A 21 7.66 5.65 -3.52
CA ARG A 21 7.69 7.13 -3.63
C ARG A 21 8.97 7.63 -2.99
N ARG A 22 9.34 7.06 -1.89
CA ARG A 22 10.60 7.48 -1.22
C ARG A 22 11.77 6.99 -2.07
N ARG A 23 11.50 6.09 -2.99
CA ARG A 23 12.58 5.56 -3.88
C ARG A 23 12.48 6.19 -5.27
N ARG A 24 11.99 7.39 -5.37
CA ARG A 24 11.90 8.03 -6.71
C ARG A 24 13.32 8.13 -7.29
N ARG A 25 13.80 7.06 -7.86
CA ARG A 25 15.18 7.07 -8.42
C ARG A 25 15.29 8.16 -9.50
N PHE A 1 -9.65 -8.79 -4.31
CA PHE A 1 -9.74 -7.36 -4.73
C PHE A 1 -11.18 -6.85 -4.52
N ILE A 2 -11.86 -7.36 -3.54
CA ILE A 2 -13.26 -6.90 -3.30
C ILE A 2 -13.25 -5.53 -2.64
N HIS A 3 -13.39 -5.48 -1.33
CA HIS A 3 -13.41 -4.15 -0.63
C HIS A 3 -13.04 -4.32 0.83
N HIS A 4 -13.05 -5.52 1.33
CA HIS A 4 -12.70 -5.76 2.76
C HIS A 4 -11.30 -6.39 2.82
N ILE A 5 -10.80 -6.84 1.71
CA ILE A 5 -9.44 -7.45 1.68
C ILE A 5 -8.42 -6.31 1.54
N ILE A 6 -8.89 -5.09 1.47
CA ILE A 6 -7.96 -3.93 1.35
C ILE A 6 -7.64 -3.39 2.74
N GLY A 7 -8.63 -3.00 3.49
CA GLY A 7 -8.36 -2.49 4.86
C GLY A 7 -7.64 -3.57 5.67
N GLY A 8 -7.40 -4.68 5.05
CA GLY A 8 -6.69 -5.80 5.74
C GLY A 8 -5.18 -5.62 5.54
N LEU A 9 -4.78 -5.17 4.38
CA LEU A 9 -3.33 -4.96 4.09
C LEU A 9 -3.16 -3.56 3.50
N PHE A 10 -4.14 -3.10 2.75
CA PHE A 10 -4.07 -1.75 2.14
C PHE A 10 -3.53 -0.75 3.17
N SER A 11 -3.78 -0.98 4.43
CA SER A 11 -3.27 -0.05 5.48
C SER A 11 -1.75 0.01 5.39
N ALA A 12 -1.10 -1.12 5.34
CA ALA A 12 0.38 -1.13 5.24
C ALA A 12 0.75 -1.00 3.78
N GLY A 13 -0.08 -1.50 2.91
CA GLY A 13 0.21 -1.37 1.46
C GLY A 13 0.53 0.09 1.17
N LYS A 14 -0.24 0.97 1.73
CA LYS A 14 0.01 2.43 1.53
C LYS A 14 1.45 2.74 1.97
N ALA A 15 1.81 2.29 3.13
CA ALA A 15 3.20 2.53 3.64
C ALA A 15 4.20 1.94 2.67
N ILE A 16 3.90 0.81 2.11
CA ILE A 16 4.86 0.21 1.15
C ILE A 16 4.74 0.99 -0.15
N HIS A 17 3.57 1.51 -0.40
CA HIS A 17 3.38 2.32 -1.63
C HIS A 17 4.13 3.64 -1.44
N ARG A 18 4.63 3.88 -0.26
CA ARG A 18 5.41 5.13 -0.01
C ARG A 18 6.88 4.81 -0.21
N LEU A 19 7.26 3.60 0.10
CA LEU A 19 8.68 3.21 -0.09
C LEU A 19 8.99 3.39 -1.58
N ILE A 20 8.08 3.04 -2.43
CA ILE A 20 8.32 3.20 -3.90
C ILE A 20 8.38 4.69 -4.21
N ARG A 21 7.42 5.44 -3.74
CA ARG A 21 7.43 6.90 -4.01
C ARG A 21 8.78 7.46 -3.59
N ARG A 22 9.27 7.01 -2.48
CA ARG A 22 10.60 7.49 -2.02
C ARG A 22 11.67 6.91 -2.95
N ARG A 23 11.32 5.88 -3.68
CA ARG A 23 12.29 5.25 -4.63
C ARG A 23 11.98 5.73 -6.06
N ARG A 24 11.47 6.91 -6.21
CA ARG A 24 11.15 7.41 -7.57
C ARG A 24 12.43 7.41 -8.41
N ARG A 25 12.77 6.28 -8.96
CA ARG A 25 14.00 6.17 -9.79
C ARG A 25 13.91 7.15 -10.96
N PHE A 1 -10.41 -9.40 -4.02
CA PHE A 1 -10.25 -7.96 -4.31
C PHE A 1 -11.59 -7.24 -4.12
N ILE A 2 -12.30 -7.54 -3.07
CA ILE A 2 -13.61 -6.88 -2.85
C ILE A 2 -13.39 -5.46 -2.31
N HIS A 3 -13.57 -5.26 -1.01
CA HIS A 3 -13.38 -3.89 -0.44
C HIS A 3 -12.99 -3.98 1.03
N HIS A 4 -13.15 -5.13 1.63
CA HIS A 4 -12.78 -5.30 3.08
C HIS A 4 -11.48 -6.09 3.15
N ILE A 5 -11.09 -6.69 2.05
CA ILE A 5 -9.82 -7.46 2.03
C ILE A 5 -8.66 -6.49 1.78
N ILE A 6 -8.96 -5.24 1.51
CA ILE A 6 -7.88 -4.25 1.26
C ILE A 6 -7.48 -3.62 2.60
N GLY A 7 -8.43 -3.14 3.34
CA GLY A 7 -8.11 -2.54 4.67
C GLY A 7 -7.42 -3.59 5.53
N GLY A 8 -7.26 -4.76 5.00
CA GLY A 8 -6.58 -5.86 5.75
C GLY A 8 -5.08 -5.72 5.56
N LEU A 9 -4.66 -5.37 4.38
CA LEU A 9 -3.20 -5.20 4.08
C LEU A 9 -3.02 -3.85 3.39
N PHE A 10 -3.96 -3.49 2.56
CA PHE A 10 -3.89 -2.19 1.84
C PHE A 10 -3.49 -1.08 2.82
N SER A 11 -3.79 -1.26 4.09
CA SER A 11 -3.44 -0.20 5.08
C SER A 11 -1.92 -0.02 5.13
N ALA A 12 -1.19 -1.07 5.34
CA ALA A 12 0.30 -0.94 5.37
C ALA A 12 0.80 -0.94 3.95
N GLY A 13 0.15 -1.64 3.07
CA GLY A 13 0.58 -1.66 1.65
C GLY A 13 0.77 -0.22 1.20
N LYS A 14 -0.16 0.63 1.57
CA LYS A 14 -0.05 2.07 1.20
C LYS A 14 1.29 2.60 1.71
N ALA A 15 1.58 2.36 2.95
CA ALA A 15 2.86 2.83 3.54
C ALA A 15 4.03 2.24 2.75
N ILE A 16 3.92 1.02 2.34
CA ILE A 16 5.04 0.42 1.56
C ILE A 16 4.95 1.00 0.16
N HIS A 17 3.76 1.34 -0.26
CA HIS A 17 3.61 1.93 -1.61
C HIS A 17 4.21 3.34 -1.56
N ARG A 18 4.55 3.80 -0.39
CA ARG A 18 5.15 5.16 -0.27
C ARG A 18 6.67 4.99 -0.28
N LEU A 19 7.14 3.88 0.21
CA LEU A 19 8.59 3.62 0.21
C LEU A 19 9.05 3.65 -1.25
N ILE A 20 8.26 3.09 -2.13
CA ILE A 20 8.64 3.09 -3.58
C ILE A 20 8.57 4.54 -4.09
N ARG A 21 7.49 5.22 -3.82
CA ARG A 21 7.36 6.61 -4.29
C ARG A 21 8.58 7.39 -3.80
N ARG A 22 8.98 7.14 -2.59
CA ARG A 22 10.18 7.83 -2.07
C ARG A 22 11.40 7.31 -2.82
N ARG A 23 11.24 6.17 -3.46
CA ARG A 23 12.34 5.56 -4.24
C ARG A 23 12.09 5.79 -5.74
N ARG A 24 11.53 6.92 -6.09
CA ARG A 24 11.25 7.19 -7.53
C ARG A 24 12.56 7.12 -8.31
N ARG A 25 12.96 5.93 -8.68
CA ARG A 25 14.22 5.77 -9.45
C ARG A 25 14.14 6.56 -10.76
N PHE A 1 -10.57 -9.60 -4.79
CA PHE A 1 -10.37 -8.23 -4.26
C PHE A 1 -11.74 -7.55 -4.09
N ILE A 2 -12.37 -7.74 -2.97
CA ILE A 2 -13.70 -7.10 -2.74
C ILE A 2 -13.50 -5.65 -2.27
N HIS A 3 -13.58 -5.40 -0.99
CA HIS A 3 -13.41 -4.01 -0.49
C HIS A 3 -12.99 -4.01 0.98
N HIS A 4 -13.10 -5.12 1.64
CA HIS A 4 -12.71 -5.21 3.08
C HIS A 4 -11.40 -5.98 3.17
N ILE A 5 -11.05 -6.68 2.13
CA ILE A 5 -9.77 -7.43 2.13
C ILE A 5 -8.63 -6.46 1.83
N ILE A 6 -8.96 -5.21 1.55
CA ILE A 6 -7.90 -4.20 1.26
C ILE A 6 -7.47 -3.57 2.58
N GLY A 7 -8.40 -3.07 3.34
CA GLY A 7 -8.03 -2.47 4.65
C GLY A 7 -7.33 -3.52 5.51
N GLY A 8 -7.19 -4.69 4.98
CA GLY A 8 -6.51 -5.79 5.72
C GLY A 8 -5.01 -5.69 5.48
N LEU A 9 -4.63 -5.36 4.28
CA LEU A 9 -3.18 -5.20 3.93
C LEU A 9 -3.01 -3.84 3.25
N PHE A 10 -3.97 -3.46 2.45
CA PHE A 10 -3.91 -2.15 1.77
C PHE A 10 -3.52 -1.06 2.79
N SER A 11 -3.88 -1.26 4.03
CA SER A 11 -3.53 -0.26 5.07
C SER A 11 -2.01 -0.10 5.13
N ALA A 12 -1.29 -1.18 5.17
CA ALA A 12 0.19 -1.10 5.20
C ALA A 12 0.68 -0.95 3.76
N GLY A 13 -0.04 -1.54 2.84
CA GLY A 13 0.36 -1.41 1.42
C GLY A 13 0.63 0.05 1.13
N LYS A 14 -0.24 0.91 1.60
CA LYS A 14 -0.04 2.38 1.39
C LYS A 14 1.36 2.76 1.87
N ALA A 15 1.68 2.38 3.08
CA ALA A 15 3.03 2.71 3.63
C ALA A 15 4.10 2.11 2.73
N ILE A 16 3.87 0.93 2.23
CA ILE A 16 4.89 0.32 1.35
C ILE A 16 4.79 1.02 0.00
N HIS A 17 3.63 1.52 -0.32
CA HIS A 17 3.46 2.24 -1.59
C HIS A 17 4.17 3.59 -1.46
N ARG A 18 4.59 3.92 -0.27
CA ARG A 18 5.33 5.20 -0.06
C ARG A 18 6.81 4.91 -0.18
N LEU A 19 7.21 3.72 0.19
CA LEU A 19 8.64 3.36 0.08
C LEU A 19 9.02 3.47 -1.41
N ILE A 20 8.14 3.04 -2.27
CA ILE A 20 8.45 3.13 -3.74
C ILE A 20 8.47 4.62 -4.13
N ARG A 21 7.47 5.35 -3.75
CA ARG A 21 7.43 6.80 -4.10
C ARG A 21 8.72 7.44 -3.60
N ARG A 22 9.15 7.07 -2.44
CA ARG A 22 10.41 7.63 -1.90
C ARG A 22 11.57 7.04 -2.70
N ARG A 23 11.29 5.99 -3.44
CA ARG A 23 12.35 5.34 -4.27
C ARG A 23 12.15 5.70 -5.75
N ARG A 24 11.64 6.86 -6.03
CA ARG A 24 11.43 7.25 -7.46
C ARG A 24 12.79 7.20 -8.17
N ARG A 25 13.18 6.04 -8.62
CA ARG A 25 14.49 5.91 -9.31
C ARG A 25 14.52 6.82 -10.54
N PHE A 1 -5.41 -7.25 -5.29
CA PHE A 1 -6.28 -6.29 -4.56
C PHE A 1 -7.71 -6.39 -5.09
N ILE A 2 -8.59 -7.04 -4.37
CA ILE A 2 -10.00 -7.17 -4.84
C ILE A 2 -10.84 -6.04 -4.25
N HIS A 3 -11.36 -6.22 -3.06
CA HIS A 3 -12.22 -5.15 -2.47
C HIS A 3 -12.27 -5.27 -0.94
N HIS A 4 -11.83 -6.36 -0.39
CA HIS A 4 -11.85 -6.55 1.09
C HIS A 4 -10.46 -6.94 1.56
N ILE A 5 -9.70 -7.59 0.72
CA ILE A 5 -8.32 -7.95 1.13
C ILE A 5 -7.51 -6.66 1.17
N ILE A 6 -8.07 -5.60 0.64
CA ILE A 6 -7.36 -4.30 0.63
C ILE A 6 -7.38 -3.71 2.04
N GLY A 7 -8.53 -3.46 2.59
CA GLY A 7 -8.60 -2.90 3.97
C GLY A 7 -7.91 -3.85 4.93
N GLY A 8 -7.39 -4.92 4.41
CA GLY A 8 -6.68 -5.92 5.27
C GLY A 8 -5.17 -5.68 5.20
N LEU A 9 -4.70 -5.21 4.07
CA LEU A 9 -3.24 -4.92 3.91
C LEU A 9 -3.08 -3.52 3.32
N PHE A 10 -4.01 -3.11 2.49
CA PHE A 10 -3.94 -1.77 1.88
C PHE A 10 -3.51 -0.73 2.91
N SER A 11 -3.84 -0.94 4.15
CA SER A 11 -3.43 0.03 5.21
C SER A 11 -1.90 0.12 5.22
N ALA A 12 -1.23 -1.00 5.18
CA ALA A 12 0.25 -1.00 5.16
C ALA A 12 0.69 -0.90 3.71
N GLY A 13 -0.11 -1.41 2.81
CA GLY A 13 0.25 -1.31 1.37
C GLY A 13 0.60 0.14 1.07
N LYS A 14 -0.18 1.05 1.59
CA LYS A 14 0.10 2.50 1.37
C LYS A 14 1.52 2.79 1.86
N ALA A 15 1.85 2.34 3.04
CA ALA A 15 3.21 2.57 3.60
C ALA A 15 4.24 1.95 2.67
N ILE A 16 3.96 0.82 2.11
CA ILE A 16 4.95 0.22 1.19
C ILE A 16 4.87 1.00 -0.11
N HIS A 17 3.72 1.53 -0.40
CA HIS A 17 3.58 2.33 -1.64
C HIS A 17 4.32 3.66 -1.40
N ARG A 18 4.73 3.90 -0.19
CA ARG A 18 5.47 5.16 0.12
C ARG A 18 6.95 4.86 0.02
N LEU A 19 7.32 3.63 0.26
CA LEU A 19 8.75 3.26 0.15
C LEU A 19 9.16 3.47 -1.32
N ILE A 20 8.28 3.12 -2.21
CA ILE A 20 8.60 3.31 -3.67
C ILE A 20 8.64 4.80 -3.95
N ARG A 21 7.63 5.51 -3.55
CA ARG A 21 7.61 6.98 -3.79
C ARG A 21 8.89 7.58 -3.24
N ARG A 22 9.28 7.15 -2.07
CA ARG A 22 10.52 7.68 -1.47
C ARG A 22 11.70 7.17 -2.31
N ARG A 23 11.45 6.17 -3.11
CA ARG A 23 12.53 5.59 -3.98
C ARG A 23 12.36 6.10 -5.41
N ARG A 24 11.83 7.27 -5.59
CA ARG A 24 11.67 7.79 -6.98
C ARG A 24 13.06 7.86 -7.63
N ARG A 25 13.51 6.77 -8.17
CA ARG A 25 14.86 6.75 -8.81
C ARG A 25 14.91 7.79 -9.93
N PHE A 1 -8.79 -8.60 -5.42
CA PHE A 1 -8.78 -7.12 -5.20
C PHE A 1 -10.21 -6.61 -5.12
N ILE A 2 -10.99 -7.13 -4.21
CA ILE A 2 -12.40 -6.66 -4.10
C ILE A 2 -12.44 -5.28 -3.41
N HIS A 3 -12.77 -5.24 -2.14
CA HIS A 3 -12.85 -3.93 -1.43
C HIS A 3 -12.62 -4.12 0.06
N HIS A 4 -12.68 -5.33 0.54
CA HIS A 4 -12.46 -5.59 1.99
C HIS A 4 -11.07 -6.20 2.15
N ILE A 5 -10.50 -6.66 1.08
CA ILE A 5 -9.14 -7.25 1.15
C ILE A 5 -8.11 -6.11 1.16
N ILE A 6 -8.57 -4.89 1.01
CA ILE A 6 -7.64 -3.73 1.02
C ILE A 6 -7.45 -3.26 2.47
N GLY A 7 -8.51 -2.94 3.15
CA GLY A 7 -8.39 -2.49 4.56
C GLY A 7 -7.74 -3.61 5.37
N GLY A 8 -7.40 -4.68 4.72
CA GLY A 8 -6.75 -5.83 5.43
C GLY A 8 -5.22 -5.68 5.31
N LEU A 9 -4.76 -5.16 4.20
CA LEU A 9 -3.30 -4.96 4.00
C LEU A 9 -3.07 -3.54 3.50
N PHE A 10 -3.98 -3.02 2.73
CA PHE A 10 -3.86 -1.63 2.22
C PHE A 10 -3.42 -0.69 3.36
N SER A 11 -3.70 -1.05 4.58
CA SER A 11 -3.29 -0.17 5.72
C SER A 11 -1.77 -0.03 5.70
N ALA A 12 -1.06 -1.12 5.72
CA ALA A 12 0.42 -1.03 5.67
C ALA A 12 0.83 -0.88 4.21
N GLY A 13 0.03 -1.40 3.33
CA GLY A 13 0.34 -1.27 1.89
C GLY A 13 0.64 0.19 1.59
N LYS A 14 -0.14 1.08 2.15
CA LYS A 14 0.11 2.53 1.94
C LYS A 14 1.55 2.84 2.35
N ALA A 15 1.94 2.39 3.51
CA ALA A 15 3.34 2.63 3.99
C ALA A 15 4.32 2.03 3.01
N ILE A 16 4.00 0.88 2.47
CA ILE A 16 4.94 0.27 1.50
C ILE A 16 4.79 1.02 0.19
N HIS A 17 3.63 1.56 -0.05
CA HIS A 17 3.41 2.34 -1.29
C HIS A 17 4.18 3.66 -1.14
N ARG A 18 4.67 3.93 0.03
CA ARG A 18 5.45 5.19 0.24
C ARG A 18 6.92 4.85 0.06
N LEU A 19 7.29 3.64 0.36
CA LEU A 19 8.70 3.22 0.16
C LEU A 19 9.03 3.37 -1.32
N ILE A 20 8.09 3.02 -2.17
CA ILE A 20 8.33 3.15 -3.65
C ILE A 20 8.42 4.64 -3.99
N ARG A 21 7.47 5.40 -3.51
CA ARG A 21 7.49 6.85 -3.81
C ARG A 21 8.83 7.42 -3.36
N ARG A 22 9.30 6.99 -2.23
CA ARG A 22 10.61 7.47 -1.75
C ARG A 22 11.68 6.92 -2.69
N ARG A 23 11.35 5.90 -3.42
CA ARG A 23 12.31 5.29 -4.39
C ARG A 23 12.07 5.90 -5.78
N ARG A 24 11.58 7.11 -5.83
CA ARG A 24 11.33 7.73 -7.15
C ARG A 24 12.64 7.77 -7.94
N ARG A 25 12.96 6.69 -8.59
CA ARG A 25 14.23 6.64 -9.37
C ARG A 25 14.24 7.74 -10.42
N PHE A 1 -9.27 -8.46 -4.71
CA PHE A 1 -9.49 -7.03 -5.09
C PHE A 1 -10.93 -6.64 -4.82
N ILE A 2 -11.54 -7.22 -3.81
CA ILE A 2 -12.96 -6.88 -3.51
C ILE A 2 -13.02 -5.52 -2.79
N HIS A 3 -13.26 -5.51 -1.51
CA HIS A 3 -13.34 -4.21 -0.77
C HIS A 3 -12.98 -4.40 0.70
N HIS A 4 -12.93 -5.62 1.15
CA HIS A 4 -12.58 -5.91 2.58
C HIS A 4 -11.17 -6.47 2.63
N ILE A 5 -10.64 -6.84 1.50
CA ILE A 5 -9.24 -7.38 1.47
C ILE A 5 -8.28 -6.21 1.39
N ILE A 6 -8.79 -5.00 1.39
CA ILE A 6 -7.92 -3.79 1.33
C ILE A 6 -7.66 -3.29 2.76
N GLY A 7 -8.69 -2.97 3.48
CA GLY A 7 -8.50 -2.50 4.88
C GLY A 7 -7.77 -3.57 5.68
N GLY A 8 -7.44 -4.65 5.03
CA GLY A 8 -6.72 -5.77 5.72
C GLY A 8 -5.22 -5.59 5.50
N LEU A 9 -4.83 -5.08 4.36
CA LEU A 9 -3.39 -4.86 4.05
C LEU A 9 -3.22 -3.44 3.53
N PHE A 10 -4.19 -2.94 2.81
CA PHE A 10 -4.12 -1.57 2.26
C PHE A 10 -3.55 -0.60 3.31
N SER A 11 -3.75 -0.88 4.57
CA SER A 11 -3.21 0.01 5.63
C SER A 11 -1.69 0.03 5.53
N ALA A 12 -1.08 -1.12 5.42
CA ALA A 12 0.41 -1.17 5.30
C ALA A 12 0.76 -1.01 3.82
N GLY A 13 -0.09 -1.46 2.95
CA GLY A 13 0.19 -1.32 1.50
C GLY A 13 0.53 0.15 1.24
N LYS A 14 -0.22 1.04 1.84
CA LYS A 14 0.07 2.50 1.67
C LYS A 14 1.51 2.75 2.10
N ALA A 15 1.88 2.27 3.25
CA ALA A 15 3.27 2.47 3.75
C ALA A 15 4.25 1.87 2.76
N ILE A 16 3.93 0.76 2.17
CA ILE A 16 4.86 0.17 1.20
C ILE A 16 4.74 0.99 -0.09
N HIS A 17 3.58 1.53 -0.31
CA HIS A 17 3.39 2.37 -1.52
C HIS A 17 4.18 3.67 -1.31
N ARG A 18 4.68 3.89 -0.13
CA ARG A 18 5.47 5.12 0.14
C ARG A 18 6.94 4.78 -0.08
N LEU A 19 7.31 3.56 0.19
CA LEU A 19 8.72 3.15 -0.04
C LEU A 19 9.03 3.35 -1.52
N ILE A 20 8.08 3.04 -2.37
CA ILE A 20 8.31 3.21 -3.84
C ILE A 20 8.39 4.71 -4.14
N ARG A 21 7.44 5.45 -3.64
CA ARG A 21 7.44 6.92 -3.90
C ARG A 21 8.78 7.48 -3.43
N ARG A 22 9.24 7.03 -2.31
CA ARG A 22 10.56 7.51 -1.81
C ARG A 22 11.63 6.97 -2.75
N ARG A 23 11.27 5.97 -3.53
CA ARG A 23 12.24 5.35 -4.49
C ARG A 23 11.93 5.86 -5.91
N ARG A 24 11.48 7.07 -6.04
CA ARG A 24 11.16 7.59 -7.41
C ARG A 24 12.41 7.53 -8.28
N ARG A 25 12.71 6.38 -8.82
CA ARG A 25 13.93 6.23 -9.66
C ARG A 25 13.83 7.17 -10.87
N PHE A 1 -8.83 -8.22 -5.01
CA PHE A 1 -8.90 -6.76 -5.32
C PHE A 1 -10.35 -6.29 -5.19
N ILE A 2 -11.08 -6.85 -4.26
CA ILE A 2 -12.50 -6.44 -4.09
C ILE A 2 -12.56 -5.11 -3.31
N HIS A 3 -12.92 -5.15 -2.05
CA HIS A 3 -13.01 -3.89 -1.26
C HIS A 3 -12.76 -4.16 0.23
N HIS A 4 -12.76 -5.41 0.63
CA HIS A 4 -12.53 -5.75 2.07
C HIS A 4 -11.14 -6.38 2.20
N ILE A 5 -10.55 -6.74 1.09
CA ILE A 5 -9.20 -7.34 1.13
C ILE A 5 -8.18 -6.18 1.15
N ILE A 6 -8.66 -4.96 1.18
CA ILE A 6 -7.75 -3.78 1.20
C ILE A 6 -7.56 -3.34 2.66
N GLY A 7 -8.63 -3.03 3.33
CA GLY A 7 -8.51 -2.60 4.76
C GLY A 7 -7.82 -3.70 5.56
N GLY A 8 -7.47 -4.77 4.91
CA GLY A 8 -6.78 -5.89 5.61
C GLY A 8 -5.26 -5.69 5.50
N LEU A 9 -4.81 -5.12 4.43
CA LEU A 9 -3.35 -4.87 4.24
C LEU A 9 -3.14 -3.46 3.67
N PHE A 10 -4.08 -2.99 2.90
CA PHE A 10 -3.98 -1.63 2.32
C PHE A 10 -3.45 -0.64 3.37
N SER A 11 -3.73 -0.89 4.62
CA SER A 11 -3.23 0.03 5.68
C SER A 11 -1.70 0.08 5.62
N ALA A 12 -1.08 -1.07 5.56
CA ALA A 12 0.41 -1.09 5.46
C ALA A 12 0.77 -0.93 3.99
N GLY A 13 -0.05 -1.43 3.11
CA GLY A 13 0.25 -1.28 1.67
C GLY A 13 0.59 0.18 1.40
N LYS A 14 -0.16 1.08 1.98
CA LYS A 14 0.12 2.54 1.79
C LYS A 14 1.57 2.81 2.21
N ALA A 15 1.94 2.33 3.36
CA ALA A 15 3.33 2.54 3.86
C ALA A 15 4.31 1.95 2.86
N ILE A 16 3.98 0.82 2.29
CA ILE A 16 4.92 0.23 1.31
C ILE A 16 4.78 1.03 0.03
N HIS A 17 3.62 1.57 -0.20
CA HIS A 17 3.43 2.38 -1.42
C HIS A 17 4.20 3.70 -1.23
N ARG A 18 4.69 3.92 -0.05
CA ARG A 18 5.48 5.17 0.21
C ARG A 18 6.96 4.84 0.02
N LEU A 19 7.31 3.62 0.29
CA LEU A 19 8.72 3.21 0.09
C LEU A 19 9.05 3.42 -1.40
N ILE A 20 8.12 3.08 -2.26
CA ILE A 20 8.36 3.27 -3.73
C ILE A 20 8.44 4.77 -4.01
N ARG A 21 7.49 5.51 -3.53
CA ARG A 21 7.50 6.97 -3.78
C ARG A 21 8.84 7.53 -3.32
N ARG A 22 9.35 7.01 -2.23
CA ARG A 22 10.67 7.48 -1.74
C ARG A 22 11.74 6.93 -2.68
N ARG A 23 11.39 5.94 -3.47
CA ARG A 23 12.35 5.34 -4.44
C ARG A 23 12.08 5.89 -5.84
N ARG A 24 11.56 7.07 -5.95
CA ARG A 24 11.29 7.64 -7.31
C ARG A 24 12.61 7.71 -8.07
N ARG A 25 13.00 6.63 -8.68
CA ARG A 25 14.28 6.61 -9.44
C ARG A 25 14.26 7.69 -10.52
N PHE A 1 -8.35 -8.65 -4.68
CA PHE A 1 -8.42 -7.26 -5.20
C PHE A 1 -9.88 -6.80 -5.18
N ILE A 2 -10.66 -7.27 -4.25
CA ILE A 2 -12.10 -6.84 -4.20
C ILE A 2 -12.23 -5.50 -3.49
N HIS A 3 -12.65 -5.48 -2.24
CA HIS A 3 -12.81 -4.19 -1.52
C HIS A 3 -12.63 -4.41 -0.02
N HIS A 4 -12.63 -5.64 0.42
CA HIS A 4 -12.43 -5.94 1.87
C HIS A 4 -11.02 -6.47 2.06
N ILE A 5 -10.36 -6.78 0.98
CA ILE A 5 -8.97 -7.28 1.07
C ILE A 5 -8.02 -6.08 1.13
N ILE A 6 -8.57 -4.89 1.08
CA ILE A 6 -7.71 -3.67 1.14
C ILE A 6 -7.55 -3.25 2.60
N GLY A 7 -8.63 -2.99 3.28
CA GLY A 7 -8.53 -2.61 4.71
C GLY A 7 -7.82 -3.72 5.48
N GLY A 8 -7.46 -4.76 4.79
CA GLY A 8 -6.75 -5.90 5.44
C GLY A 8 -5.25 -5.68 5.33
N LEU A 9 -4.80 -5.08 4.25
CA LEU A 9 -3.33 -4.82 4.08
C LEU A 9 -3.14 -3.38 3.62
N PHE A 10 -4.11 -2.85 2.88
CA PHE A 10 -4.02 -1.45 2.40
C PHE A 10 -3.49 -0.54 3.51
N SER A 11 -3.77 -0.86 4.74
CA SER A 11 -3.27 -0.01 5.86
C SER A 11 -1.74 0.03 5.80
N ALA A 12 -1.11 -1.10 5.65
CA ALA A 12 0.37 -1.13 5.56
C ALA A 12 0.74 -0.87 4.11
N GLY A 13 -0.09 -1.30 3.20
CA GLY A 13 0.20 -1.06 1.76
C GLY A 13 0.57 0.40 1.59
N LYS A 14 -0.17 1.27 2.23
CA LYS A 14 0.13 2.73 2.13
C LYS A 14 1.60 2.95 2.50
N ALA A 15 2.02 2.41 3.62
CA ALA A 15 3.43 2.56 4.05
C ALA A 15 4.35 1.98 2.99
N ILE A 16 3.97 0.87 2.40
CA ILE A 16 4.84 0.29 1.37
C ILE A 16 4.66 1.12 0.10
N HIS A 17 3.53 1.75 -0.02
CA HIS A 17 3.30 2.62 -1.22
C HIS A 17 4.16 3.87 -1.04
N ARG A 18 4.75 4.03 0.11
CA ARG A 18 5.64 5.21 0.35
C ARG A 18 7.06 4.78 0.04
N LEU A 19 7.36 3.53 0.26
CA LEU A 19 8.72 3.04 -0.05
C LEU A 19 8.96 3.27 -1.55
N ILE A 20 7.95 3.04 -2.35
CA ILE A 20 8.10 3.26 -3.82
C ILE A 20 8.27 4.76 -4.07
N ARG A 21 7.40 5.54 -3.50
CA ARG A 21 7.50 7.01 -3.71
C ARG A 21 8.90 7.45 -3.30
N ARG A 22 9.41 6.90 -2.24
CA ARG A 22 10.78 7.26 -1.81
C ARG A 22 11.75 6.69 -2.84
N ARG A 23 11.27 5.76 -3.65
CA ARG A 23 12.13 5.13 -4.69
C ARG A 23 11.81 5.72 -6.06
N ARG A 24 11.42 6.97 -6.14
CA ARG A 24 11.08 7.57 -7.45
C ARG A 24 12.31 7.47 -8.37
N ARG A 25 12.53 6.33 -8.96
CA ARG A 25 13.70 6.16 -9.85
C ARG A 25 13.61 7.13 -11.03
N PHE A 1 -10.50 -9.61 -4.53
CA PHE A 1 -10.38 -8.16 -4.25
C PHE A 1 -11.78 -7.57 -3.99
N ILE A 2 -12.35 -7.85 -2.85
CA ILE A 2 -13.71 -7.32 -2.54
C ILE A 2 -13.60 -5.88 -2.04
N HIS A 3 -13.63 -5.66 -0.75
CA HIS A 3 -13.56 -4.27 -0.22
C HIS A 3 -13.08 -4.25 1.23
N HIS A 4 -13.10 -5.38 1.89
CA HIS A 4 -12.65 -5.44 3.32
C HIS A 4 -11.29 -6.11 3.36
N ILE A 5 -10.91 -6.79 2.31
CA ILE A 5 -9.58 -7.45 2.27
C ILE A 5 -8.53 -6.40 1.91
N ILE A 6 -8.95 -5.19 1.60
CA ILE A 6 -7.98 -4.13 1.24
C ILE A 6 -7.54 -3.41 2.53
N GLY A 7 -8.47 -2.90 3.29
CA GLY A 7 -8.11 -2.22 4.55
C GLY A 7 -7.38 -3.20 5.46
N GLY A 8 -7.19 -4.40 5.00
CA GLY A 8 -6.48 -5.43 5.80
C GLY A 8 -5.00 -5.42 5.42
N LEU A 9 -4.73 -5.20 4.16
CA LEU A 9 -3.33 -5.15 3.66
C LEU A 9 -3.14 -3.77 3.02
N PHE A 10 -4.09 -3.36 2.23
CA PHE A 10 -4.02 -2.03 1.57
C PHE A 10 -3.57 -0.98 2.59
N SER A 11 -3.92 -1.17 3.84
CA SER A 11 -3.50 -0.19 4.89
C SER A 11 -1.98 -0.12 4.92
N ALA A 12 -1.32 -1.25 4.91
CA ALA A 12 0.16 -1.24 4.91
C ALA A 12 0.64 -1.08 3.48
N GLY A 13 -0.08 -1.63 2.55
CA GLY A 13 0.32 -1.47 1.12
C GLY A 13 0.60 0.00 0.86
N LYS A 14 -0.26 0.85 1.37
CA LYS A 14 -0.06 2.32 1.20
C LYS A 14 1.33 2.69 1.73
N ALA A 15 1.64 2.26 2.93
CA ALA A 15 2.97 2.54 3.53
C ALA A 15 4.05 1.98 2.63
N ILE A 16 3.83 0.83 2.07
CA ILE A 16 4.88 0.25 1.20
C ILE A 16 4.79 1.01 -0.13
N HIS A 17 3.64 1.51 -0.45
CA HIS A 17 3.50 2.28 -1.71
C HIS A 17 4.21 3.63 -1.49
N ARG A 18 4.60 3.90 -0.28
CA ARG A 18 5.32 5.18 0.01
C ARG A 18 6.81 4.89 -0.05
N LEU A 19 7.18 3.68 0.24
CA LEU A 19 8.61 3.31 0.16
C LEU A 19 9.05 3.48 -1.29
N ILE A 20 8.20 3.10 -2.22
CA ILE A 20 8.55 3.25 -3.66
C ILE A 20 8.60 4.74 -3.99
N ARG A 21 7.59 5.46 -3.62
CA ARG A 21 7.58 6.92 -3.91
C ARG A 21 8.87 7.53 -3.35
N ARG A 22 9.24 7.10 -2.19
CA ARG A 22 10.50 7.63 -1.58
C ARG A 22 11.69 7.02 -2.32
N ARG A 23 11.46 5.95 -3.06
CA ARG A 23 12.57 5.31 -3.82
C ARG A 23 12.51 5.73 -5.29
N ARG A 24 11.94 6.86 -5.60
CA ARG A 24 11.87 7.28 -7.02
C ARG A 24 13.30 7.39 -7.54
N ARG A 25 13.85 6.29 -7.97
CA ARG A 25 15.25 6.29 -8.48
C ARG A 25 15.36 7.26 -9.66
N PHE A 1 -7.97 -7.01 -4.84
CA PHE A 1 -8.42 -5.84 -4.04
C PHE A 1 -9.91 -5.58 -4.31
N ILE A 2 -10.78 -6.10 -3.50
CA ILE A 2 -12.24 -5.89 -3.71
C ILE A 2 -12.69 -4.64 -2.97
N HIS A 3 -12.96 -4.76 -1.69
CA HIS A 3 -13.43 -3.57 -0.93
C HIS A 3 -13.18 -3.73 0.57
N HIS A 4 -12.87 -4.91 1.02
CA HIS A 4 -12.60 -5.14 2.48
C HIS A 4 -11.27 -5.86 2.62
N ILE A 5 -10.87 -6.63 1.65
CA ILE A 5 -9.55 -7.30 1.74
C ILE A 5 -8.49 -6.21 1.60
N ILE A 6 -8.91 -5.03 1.24
CA ILE A 6 -7.96 -3.89 1.07
C ILE A 6 -7.57 -3.34 2.45
N GLY A 7 -8.53 -2.94 3.22
CA GLY A 7 -8.21 -2.39 4.57
C GLY A 7 -7.46 -3.44 5.38
N GLY A 8 -7.24 -4.58 4.79
CA GLY A 8 -6.51 -5.67 5.49
C GLY A 8 -5.03 -5.58 5.15
N LEU A 9 -4.73 -5.19 3.94
CA LEU A 9 -3.31 -5.05 3.49
C LEU A 9 -3.14 -3.62 2.98
N PHE A 10 -4.08 -3.15 2.23
CA PHE A 10 -4.03 -1.77 1.69
C PHE A 10 -3.56 -0.78 2.77
N SER A 11 -3.80 -1.09 4.02
CA SER A 11 -3.37 -0.18 5.11
C SER A 11 -1.85 -0.03 5.11
N ALA A 12 -1.15 -1.12 5.28
CA ALA A 12 0.34 -1.04 5.28
C ALA A 12 0.81 -0.98 3.83
N GLY A 13 0.08 -1.63 2.95
CA GLY A 13 0.48 -1.59 1.52
C GLY A 13 0.72 -0.14 1.13
N LYS A 14 -0.14 0.74 1.57
CA LYS A 14 0.04 2.19 1.25
C LYS A 14 1.42 2.62 1.76
N ALA A 15 1.72 2.30 2.99
CA ALA A 15 3.04 2.67 3.56
C ALA A 15 4.15 2.06 2.72
N ILE A 16 3.96 0.87 2.25
CA ILE A 16 5.03 0.25 1.42
C ILE A 16 4.95 0.91 0.05
N HIS A 17 3.78 1.33 -0.32
CA HIS A 17 3.63 2.02 -1.63
C HIS A 17 4.28 3.40 -1.49
N ARG A 18 4.64 3.77 -0.30
CA ARG A 18 5.30 5.09 -0.09
C ARG A 18 6.81 4.86 -0.09
N LEU A 19 7.22 3.68 0.26
CA LEU A 19 8.67 3.37 0.24
C LEU A 19 9.14 3.47 -1.22
N ILE A 20 8.32 3.02 -2.12
CA ILE A 20 8.69 3.09 -3.58
C ILE A 20 8.68 4.56 -4.00
N ARG A 21 7.63 5.26 -3.66
CA ARG A 21 7.55 6.69 -4.03
C ARG A 21 8.75 7.43 -3.45
N ARG A 22 9.09 7.13 -2.23
CA ARG A 22 10.26 7.78 -1.60
C ARG A 22 11.50 7.31 -2.37
N ARG A 23 11.37 6.23 -3.07
CA ARG A 23 12.52 5.69 -3.87
C ARG A 23 12.41 6.22 -5.30
N ARG A 24 11.86 7.39 -5.48
CA ARG A 24 11.73 7.95 -6.84
C ARG A 24 13.13 8.03 -7.47
N ARG A 25 13.54 6.96 -8.09
CA ARG A 25 14.89 6.93 -8.72
C ARG A 25 15.01 8.06 -9.75
N PHE A 1 -8.98 -8.94 -4.58
CA PHE A 1 -9.30 -7.52 -4.87
C PHE A 1 -10.79 -7.27 -4.67
N ILE A 2 -11.32 -7.66 -3.53
CA ILE A 2 -12.78 -7.45 -3.28
C ILE A 2 -12.99 -6.11 -2.58
N HIS A 3 -13.14 -6.10 -1.28
CA HIS A 3 -13.38 -4.81 -0.56
C HIS A 3 -12.97 -4.94 0.91
N HIS A 4 -12.80 -6.14 1.39
CA HIS A 4 -12.39 -6.32 2.82
C HIS A 4 -10.91 -6.66 2.86
N ILE A 5 -10.32 -6.88 1.71
CA ILE A 5 -8.85 -7.20 1.66
C ILE A 5 -8.08 -5.89 1.50
N ILE A 6 -8.76 -4.77 1.44
CA ILE A 6 -8.07 -3.46 1.29
C ILE A 6 -7.76 -2.90 2.68
N GLY A 7 -8.75 -2.49 3.42
CA GLY A 7 -8.48 -1.95 4.79
C GLY A 7 -7.79 -3.01 5.63
N GLY A 8 -7.49 -4.13 5.04
CA GLY A 8 -6.79 -5.23 5.76
C GLY A 8 -5.31 -5.21 5.37
N LEU A 9 -5.05 -4.85 4.15
CA LEU A 9 -3.65 -4.77 3.64
C LEU A 9 -3.38 -3.31 3.26
N PHE A 10 -4.31 -2.73 2.56
CA PHE A 10 -4.17 -1.30 2.14
C PHE A 10 -3.62 -0.47 3.31
N SER A 11 -3.90 -0.86 4.52
CA SER A 11 -3.38 -0.10 5.68
C SER A 11 -1.86 -0.08 5.62
N ALA A 12 -1.26 -1.22 5.40
CA ALA A 12 0.22 -1.27 5.29
C ALA A 12 0.58 -0.98 3.85
N GLY A 13 -0.32 -1.28 2.95
CA GLY A 13 -0.06 -0.99 1.51
C GLY A 13 0.39 0.45 1.39
N LYS A 14 -0.27 1.33 2.10
CA LYS A 14 0.14 2.77 2.06
C LYS A 14 1.62 2.86 2.41
N ALA A 15 2.03 2.25 3.48
CA ALA A 15 3.46 2.28 3.88
C ALA A 15 4.31 1.68 2.77
N ILE A 16 3.83 0.66 2.14
CA ILE A 16 4.65 0.06 1.04
C ILE A 16 4.51 0.99 -0.15
N HIS A 17 3.41 1.69 -0.23
CA HIS A 17 3.23 2.65 -1.35
C HIS A 17 4.17 3.84 -1.09
N ARG A 18 4.75 3.89 0.08
CA ARG A 18 5.70 4.98 0.40
C ARG A 18 7.10 4.50 0.06
N LEU A 19 7.30 3.22 0.13
CA LEU A 19 8.64 2.66 -0.21
C LEU A 19 8.90 3.02 -1.67
N ILE A 20 7.89 2.90 -2.49
CA ILE A 20 8.07 3.23 -3.94
C ILE A 20 8.29 4.74 -4.07
N ARG A 21 7.46 5.52 -3.43
CA ARG A 21 7.63 6.99 -3.53
C ARG A 21 9.03 7.34 -3.05
N ARG A 22 9.48 6.70 -2.02
CA ARG A 22 10.85 6.96 -1.51
C ARG A 22 11.83 6.46 -2.57
N ARG A 23 11.36 5.62 -3.45
CA ARG A 23 12.23 5.07 -4.52
C ARG A 23 12.03 5.88 -5.80
N ARG A 24 11.68 7.13 -5.67
CA ARG A 24 11.47 7.97 -6.89
C ARG A 24 12.76 7.98 -7.69
N ARG A 25 12.96 6.97 -8.50
CA ARG A 25 14.20 6.90 -9.32
C ARG A 25 14.32 8.13 -10.21
#